data_2WOP
#
_entry.id   2WOP
#
_cell.length_a   53.600
_cell.length_b   85.207
_cell.length_c   62.472
_cell.angle_alpha   90.00
_cell.angle_beta   91.73
_cell.angle_gamma   90.00
#
_symmetry.space_group_name_H-M   'P 1 21 1'
#
loop_
_entity.id
_entity.type
_entity.pdbx_description
1 polymer 'CLAVULANIC ACID BIOSYNTHESIS OLIGOPEPTIDE BINDING PROTEIN 2'
2 non-polymer ARGININE
3 non-polymer GLYCEROL
4 non-polymer 'ACETATE ION'
5 water water
#
_entity_poly.entity_id   1
_entity_poly.type   'polypeptide(L)'
_entity_poly.pdbx_seq_one_letter_code
;MTTAARRPAPTTAGAGWDAGVGALVNPSRRRGGTLRLVSSADVDSLDPARTYYVWVWLLQRLLNRTLMAYPTDPGPAGLV
PAPDLAEGPGEVSDGGRTWTYRLRRGLRYDDGTPITSDDVRHAVQRVFAQDVLPGGPTYLIPLLDDPERPYPGPYRTDEP
LRSVLTPDEHTIVFRLTRPFSDFDHLMAQPCAAPVPRRSDTGADYGRDPRSSGPYRVARHEPDTLLHLERNPHWDRATDP
IRPALPDRVELTIGLDVDVLDARLIAGEFDINLEGRGLQHAAQRRATADEVLRSHTDNPRTSFLHFVAMQPHIPPFDNVH
VRRAVQYAADKILLQDARGGPVNGGDLTTALFPPTLPAHQDLDLYPTGPDLRGDLDAARAELAAAGLPDGFRAVIGTQRG
KFRLVADAVVESLARVGIELTVKELDVATYFSLGAGHPETVREHGLGLLVTDWGADFPTEYGFLAPLVDGRQIKRNGGNW
NLPELDDPEVNALIDETLHTTDPAARAELWRAVERRVMEHAVLLPLVHDKTLHFRNPWVTNVYVHPAFGLYDIQAMGLAE
ED
;
_entity_poly.pdbx_strand_id   A
#
# COMPACT_ATOMS: atom_id res chain seq x y z
N ARG A 7 12.27 -29.02 -14.44
CA ARG A 7 11.08 -29.85 -14.08
C ARG A 7 10.00 -28.95 -13.51
N PRO A 8 8.79 -28.99 -14.09
CA PRO A 8 7.70 -28.12 -13.63
C PRO A 8 7.38 -28.36 -12.16
N ALA A 9 6.87 -27.32 -11.50
CA ALA A 9 6.57 -27.35 -10.07
C ALA A 9 5.73 -28.55 -9.61
N PRO A 10 4.66 -28.90 -10.36
CA PRO A 10 3.81 -29.99 -9.85
C PRO A 10 4.54 -31.34 -9.69
N THR A 11 5.76 -31.43 -10.22
CA THR A 11 6.48 -32.72 -10.30
C THR A 11 7.63 -32.86 -9.30
N THR A 12 7.96 -31.78 -8.59
CA THR A 12 9.09 -31.82 -7.64
C THR A 12 8.80 -30.89 -6.46
N ALA A 13 9.04 -31.36 -5.23
CA ALA A 13 8.73 -30.55 -4.05
C ALA A 13 9.67 -29.36 -3.93
N GLY A 14 9.15 -28.27 -3.36
CA GLY A 14 9.91 -27.06 -3.16
C GLY A 14 10.27 -26.88 -1.70
N ALA A 15 10.58 -25.63 -1.34
CA ALA A 15 11.09 -25.31 -0.01
C ALA A 15 10.12 -25.57 1.13
N GLY A 16 8.82 -25.59 0.83
CA GLY A 16 7.77 -25.83 1.82
C GLY A 16 6.80 -24.67 1.96
N TRP A 17 5.58 -24.98 2.39
CA TRP A 17 4.54 -23.99 2.66
C TRP A 17 5.07 -22.85 3.54
N ASP A 18 4.89 -21.61 3.07
CA ASP A 18 5.25 -20.41 3.82
C ASP A 18 6.75 -20.19 4.00
N ALA A 19 7.58 -20.94 3.26
CA ALA A 19 9.04 -20.83 3.38
C ALA A 19 9.54 -19.42 3.04
N GLY A 20 8.79 -18.69 2.22
CA GLY A 20 9.19 -17.34 1.80
C GLY A 20 8.57 -16.26 2.67
N VAL A 21 7.90 -16.68 3.75
CA VAL A 21 7.28 -15.72 4.66
C VAL A 21 8.18 -15.61 5.88
N GLY A 22 8.88 -14.47 5.96
CA GLY A 22 9.82 -14.23 7.05
C GLY A 22 11.20 -14.81 6.83
N ALA A 23 11.42 -15.41 5.66
CA ALA A 23 12.67 -16.07 5.30
C ALA A 23 12.89 -16.05 3.79
N LEU A 24 14.13 -16.30 3.40
CA LEU A 24 14.51 -16.27 2.00
C LEU A 24 14.55 -17.70 1.42
N VAL A 25 13.88 -17.93 0.31
CA VAL A 25 13.87 -19.24 -0.33
C VAL A 25 14.93 -19.32 -1.41
N ASN A 26 15.69 -20.43 -1.43
CA ASN A 26 16.63 -20.74 -2.51
C ASN A 26 17.68 -19.65 -2.73
N PRO A 27 18.47 -19.33 -1.69
CA PRO A 27 19.46 -18.26 -1.80
C PRO A 27 20.57 -18.53 -2.82
N SER A 28 20.97 -17.47 -3.52
CA SER A 28 21.98 -17.58 -4.57
C SER A 28 22.52 -16.22 -4.94
N ARG A 29 23.76 -16.22 -5.44
CA ARG A 29 24.37 -15.04 -6.01
C ARG A 29 24.64 -15.24 -7.50
N ARG A 30 24.11 -16.33 -8.07
CA ARG A 30 24.35 -16.65 -9.47
C ARG A 30 23.67 -15.62 -10.39
N ARG A 31 24.49 -14.92 -11.18
CA ARG A 31 23.97 -13.99 -12.18
C ARG A 31 23.66 -14.69 -13.51
N GLY A 32 22.71 -14.11 -14.25
CA GLY A 32 22.41 -14.55 -15.60
C GLY A 32 20.96 -14.95 -15.77
N GLY A 33 20.58 -15.16 -17.02
CA GLY A 33 19.26 -15.67 -17.35
C GLY A 33 18.22 -14.56 -17.52
N THR A 34 17.01 -14.97 -17.91
CA THR A 34 15.91 -14.04 -18.12
C THR A 34 14.81 -14.39 -17.12
N LEU A 35 14.43 -13.42 -16.29
CA LEU A 35 13.34 -13.61 -15.34
C LEU A 35 12.04 -13.34 -16.08
N ARG A 36 11.18 -14.35 -16.14
CA ARG A 36 9.91 -14.27 -16.88
C ARG A 36 8.79 -13.96 -15.90
N LEU A 37 8.31 -12.71 -15.97
CA LEU A 37 7.24 -12.27 -15.07
C LEU A 37 5.94 -12.20 -15.86
N VAL A 38 4.82 -12.25 -15.14
CA VAL A 38 3.50 -12.16 -15.77
C VAL A 38 2.59 -11.26 -14.92
N SER A 39 1.67 -10.58 -15.59
CA SER A 39 0.67 -9.75 -14.93
C SER A 39 -0.62 -9.81 -15.74
N SER A 40 -1.76 -9.67 -15.06
CA SER A 40 -3.03 -9.60 -15.78
C SER A 40 -3.29 -8.17 -16.29
N ALA A 41 -2.57 -7.20 -15.73
CA ALA A 41 -2.80 -5.78 -16.02
C ALA A 41 -1.50 -5.10 -16.49
N ASP A 42 -1.63 -4.08 -17.34
CA ASP A 42 -0.48 -3.24 -17.72
C ASP A 42 -0.11 -2.34 -16.53
N VAL A 43 1.12 -1.84 -16.55
CA VAL A 43 1.54 -0.83 -15.57
C VAL A 43 0.61 0.38 -15.67
N ASP A 44 0.44 1.09 -14.56
CA ASP A 44 -0.32 2.34 -14.59
C ASP A 44 0.49 3.49 -15.24
N SER A 45 1.79 3.48 -14.99
CA SER A 45 2.73 4.43 -15.62
C SER A 45 4.15 3.90 -15.49
N LEU A 46 5.01 4.27 -16.45
CA LEU A 46 6.46 4.08 -16.32
C LEU A 46 7.17 5.38 -15.91
N ASP A 47 6.40 6.43 -15.67
CA ASP A 47 6.93 7.63 -15.04
C ASP A 47 6.96 7.33 -13.52
N PRO A 48 8.15 7.41 -12.90
CA PRO A 48 8.21 7.02 -11.49
C PRO A 48 7.32 7.86 -10.56
N ALA A 49 6.98 9.07 -11.00
CA ALA A 49 6.13 9.97 -10.19
C ALA A 49 4.63 9.70 -10.31
N ARG A 50 4.24 8.90 -11.31
CA ARG A 50 2.84 8.79 -11.72
C ARG A 50 2.22 7.42 -11.45
N THR A 51 2.97 6.59 -10.72
CA THR A 51 2.50 5.26 -10.38
C THR A 51 2.01 5.16 -8.95
N TYR A 52 0.90 4.42 -8.78
CA TYR A 52 0.41 4.11 -7.44
C TYR A 52 0.30 2.60 -7.18
N TYR A 53 0.35 1.79 -8.25
CA TYR A 53 0.20 0.33 -8.10
C TYR A 53 1.34 -0.23 -7.25
N VAL A 54 0.98 -0.99 -6.21
CA VAL A 54 2.00 -1.58 -5.32
C VAL A 54 3.01 -2.40 -6.13
N TRP A 55 2.52 -3.16 -7.10
CA TRP A 55 3.40 -3.99 -7.89
C TRP A 55 4.30 -3.22 -8.86
N VAL A 56 3.89 -2.03 -9.27
CA VAL A 56 4.74 -1.18 -10.09
C VAL A 56 5.79 -0.52 -9.19
N TRP A 57 5.44 -0.22 -7.94
CA TRP A 57 6.47 0.27 -6.99
C TRP A 57 7.53 -0.79 -6.78
N LEU A 58 7.09 -2.05 -6.74
CA LEU A 58 8.02 -3.17 -6.64
C LEU A 58 8.93 -3.23 -7.87
N LEU A 59 8.34 -3.04 -9.05
CA LEU A 59 9.08 -3.03 -10.31
C LEU A 59 10.06 -1.85 -10.34
N GLN A 60 9.67 -0.73 -9.76
CA GLN A 60 10.56 0.44 -9.66
C GLN A 60 11.85 0.16 -8.89
N ARG A 61 11.86 -0.87 -8.03
CA ARG A 61 13.10 -1.20 -7.33
C ARG A 61 14.18 -1.72 -8.31
N LEU A 62 13.76 -2.17 -9.48
CA LEU A 62 14.72 -2.56 -10.53
C LEU A 62 15.18 -1.38 -11.38
N LEU A 63 14.31 -0.38 -11.51
CA LEU A 63 14.47 0.69 -12.51
C LEU A 63 15.12 1.96 -11.99
N ASN A 64 14.86 2.28 -10.74
CA ASN A 64 15.29 3.55 -10.17
C ASN A 64 15.70 3.44 -8.72
N ARG A 65 16.82 4.07 -8.40
CA ARG A 65 17.23 4.19 -7.01
C ARG A 65 16.62 5.42 -6.37
N THR A 66 16.67 5.48 -5.06
CA THR A 66 16.09 6.60 -4.31
C THR A 66 17.06 6.92 -3.18
N LEU A 67 16.89 8.06 -2.51
CA LEU A 67 17.78 8.39 -1.36
C LEU A 67 17.82 7.28 -0.33
N MET A 68 16.62 6.77 0.00
CA MET A 68 16.44 5.70 0.97
C MET A 68 15.61 4.64 0.27
N ALA A 69 15.80 3.37 0.61
CA ALA A 69 15.01 2.30 0.01
C ALA A 69 14.78 1.22 1.05
N TYR A 70 13.69 0.46 0.92
CA TYR A 70 13.53 -0.68 1.82
C TYR A 70 14.62 -1.72 1.55
N PRO A 71 15.25 -2.22 2.63
CA PRO A 71 16.35 -3.14 2.40
C PRO A 71 15.88 -4.49 1.91
N THR A 72 16.82 -5.27 1.37
CA THR A 72 16.55 -6.61 0.90
C THR A 72 16.61 -7.54 2.11
N ASP A 73 15.47 -7.67 2.78
CA ASP A 73 15.40 -8.34 4.09
C ASP A 73 13.98 -8.85 4.31
N PRO A 74 13.81 -10.16 4.54
CA PRO A 74 12.46 -10.67 4.80
C PRO A 74 11.97 -10.43 6.22
N GLY A 75 12.85 -9.97 7.10
CA GLY A 75 12.48 -9.74 8.49
C GLY A 75 11.99 -8.32 8.78
N PRO A 76 11.72 -8.04 10.05
CA PRO A 76 11.20 -6.74 10.50
C PRO A 76 12.05 -5.55 10.04
N ALA A 77 13.35 -5.75 9.87
CA ALA A 77 14.23 -4.67 9.37
C ALA A 77 13.83 -4.21 7.97
N GLY A 78 13.13 -5.07 7.24
CA GLY A 78 12.62 -4.74 5.92
C GLY A 78 11.65 -3.55 5.92
N LEU A 79 11.11 -3.23 7.09
CA LEU A 79 10.15 -2.13 7.23
C LEU A 79 10.84 -0.79 7.46
N VAL A 80 12.15 -0.82 7.66
CA VAL A 80 12.90 0.42 7.98
C VAL A 80 13.70 0.88 6.77
N PRO A 81 13.40 2.07 6.23
CA PRO A 81 14.16 2.52 5.05
C PRO A 81 15.67 2.59 5.35
N ALA A 82 16.47 2.15 4.37
CA ALA A 82 17.94 2.11 4.49
C ALA A 82 18.56 3.04 3.43
N PRO A 83 19.79 3.52 3.68
CA PRO A 83 20.47 4.39 2.73
C PRO A 83 20.66 3.67 1.40
N ASP A 84 20.26 4.34 0.32
CA ASP A 84 20.40 3.80 -1.01
C ASP A 84 21.31 4.74 -1.80
N LEU A 85 20.76 5.79 -2.40
CA LEU A 85 21.61 6.81 -3.02
C LEU A 85 22.31 7.67 -1.95
N ALA A 86 21.67 7.83 -0.80
CA ALA A 86 22.27 8.58 0.31
C ALA A 86 23.35 7.75 0.98
N GLU A 87 24.31 8.44 1.59
CA GLU A 87 25.38 7.78 2.33
C GLU A 87 24.90 7.24 3.66
N GLY A 88 23.89 7.90 4.23
CA GLY A 88 23.31 7.53 5.51
C GLY A 88 21.83 7.89 5.56
N PRO A 89 21.13 7.48 6.63
CA PRO A 89 19.72 7.84 6.82
C PRO A 89 19.58 9.35 6.95
N GLY A 90 18.39 9.86 6.68
CA GLY A 90 18.11 11.29 6.81
C GLY A 90 18.56 11.82 8.15
N GLU A 91 19.31 12.92 8.11
CA GLU A 91 19.78 13.59 9.33
C GLU A 91 18.70 14.56 9.76
N VAL A 92 18.15 14.35 10.95
CA VAL A 92 17.01 15.14 11.42
C VAL A 92 17.49 16.26 12.33
N SER A 93 17.00 17.45 12.05
CA SER A 93 17.23 18.61 12.90
C SER A 93 15.93 19.42 12.98
N ASP A 94 15.92 20.45 13.84
CA ASP A 94 14.75 21.32 14.05
C ASP A 94 13.49 20.60 14.50
N GLY A 95 13.65 19.66 15.44
CA GLY A 95 12.53 18.93 16.02
C GLY A 95 11.71 18.14 15.02
N GLY A 96 12.40 17.56 14.03
CA GLY A 96 11.75 16.72 13.02
C GLY A 96 11.31 17.48 11.78
N ARG A 97 11.69 18.76 11.71
CA ARG A 97 11.31 19.67 10.59
C ARG A 97 12.36 19.79 9.49
N THR A 98 13.62 19.49 9.77
CA THR A 98 14.65 19.58 8.72
C THR A 98 15.35 18.25 8.51
N TRP A 99 15.39 17.82 7.26
CA TRP A 99 15.93 16.52 6.90
C TRP A 99 17.03 16.72 5.85
N THR A 100 18.24 16.29 6.20
CA THR A 100 19.39 16.42 5.32
C THR A 100 19.91 15.05 4.86
N TYR A 101 20.21 14.96 3.56
CA TYR A 101 20.81 13.76 2.96
C TYR A 101 22.07 14.13 2.19
N ARG A 102 23.01 13.20 2.20
CA ARG A 102 24.29 13.35 1.53
C ARG A 102 24.37 12.24 0.48
N LEU A 103 24.44 12.63 -0.78
CA LEU A 103 24.42 11.68 -1.90
C LEU A 103 25.78 11.03 -2.12
N ARG A 104 25.76 9.75 -2.46
CA ARG A 104 26.94 9.10 -3.05
C ARG A 104 27.43 9.85 -4.29
N ARG A 105 28.74 9.89 -4.48
CA ARG A 105 29.37 10.64 -5.58
C ARG A 105 29.62 9.76 -6.80
N GLY A 106 29.63 10.38 -7.97
CA GLY A 106 30.00 9.72 -9.22
C GLY A 106 29.01 8.71 -9.79
N LEU A 107 27.77 8.74 -9.34
CA LEU A 107 26.74 7.82 -9.84
C LEU A 107 26.12 8.34 -11.12
N ARG A 108 25.62 7.43 -11.96
CA ARG A 108 25.20 7.79 -13.31
C ARG A 108 23.86 7.18 -13.71
N TYR A 109 23.15 7.84 -14.62
CA TYR A 109 21.96 7.27 -15.25
C TYR A 109 22.34 6.33 -16.39
N ASP A 110 21.33 5.69 -16.95
CA ASP A 110 21.50 4.73 -18.05
C ASP A 110 22.11 5.37 -19.31
N ASP A 111 21.99 6.69 -19.44
CA ASP A 111 22.57 7.40 -20.59
C ASP A 111 23.99 7.91 -20.29
N GLY A 112 24.54 7.53 -19.13
CA GLY A 112 25.91 7.87 -18.75
C GLY A 112 26.10 9.21 -18.05
N THR A 113 25.02 9.98 -17.93
CA THR A 113 25.06 11.32 -17.34
C THR A 113 24.99 11.22 -15.81
N PRO A 114 25.49 12.25 -15.10
CA PRO A 114 25.63 12.17 -13.65
C PRO A 114 24.35 12.39 -12.86
N ILE A 115 24.22 11.66 -11.75
CA ILE A 115 23.16 11.89 -10.79
C ILE A 115 23.61 12.92 -9.76
N THR A 116 22.83 13.99 -9.62
CA THR A 116 23.10 15.03 -8.62
C THR A 116 21.88 15.35 -7.75
N SER A 117 22.13 16.06 -6.65
CA SER A 117 21.09 16.49 -5.74
C SER A 117 20.03 17.35 -6.46
N ASP A 118 20.43 18.10 -7.49
CA ASP A 118 19.45 18.87 -8.26
C ASP A 118 18.37 17.95 -8.86
N ASP A 119 18.73 16.70 -9.15
CA ASP A 119 17.79 15.77 -9.79
C ASP A 119 16.78 15.21 -8.78
N VAL A 120 17.21 15.06 -7.53
CA VAL A 120 16.29 14.66 -6.48
C VAL A 120 15.33 15.80 -6.20
N ARG A 121 15.86 17.02 -6.15
CA ARG A 121 14.98 18.17 -5.97
C ARG A 121 14.01 18.26 -7.15
N HIS A 122 14.52 18.05 -8.36
CA HIS A 122 13.65 18.10 -9.53
C HIS A 122 12.50 17.09 -9.45
N ALA A 123 12.81 15.85 -9.04
CA ALA A 123 11.79 14.80 -8.87
C ALA A 123 10.70 15.23 -7.91
N VAL A 124 11.10 15.78 -6.77
CA VAL A 124 10.17 16.22 -5.75
C VAL A 124 9.31 17.38 -6.29
N GLN A 125 9.96 18.30 -6.99
CA GLN A 125 9.25 19.43 -7.60
C GLN A 125 8.19 18.97 -8.61
N ARG A 126 8.50 17.94 -9.38
CA ARG A 126 7.58 17.41 -10.41
C ARG A 126 6.25 17.00 -9.80
N VAL A 127 6.29 16.47 -8.57
CA VAL A 127 5.07 16.04 -7.87
C VAL A 127 4.05 17.19 -7.80
N PHE A 128 4.55 18.43 -7.72
CA PHE A 128 3.66 19.58 -7.61
C PHE A 128 2.89 19.89 -8.90
N ALA A 129 3.40 19.40 -10.04
CA ALA A 129 2.74 19.64 -11.34
C ALA A 129 1.62 18.61 -11.56
N GLN A 130 0.60 18.66 -10.69
CA GLN A 130 -0.51 17.69 -10.73
C GLN A 130 -1.40 17.81 -11.98
N ASP A 131 -1.26 18.92 -12.70
CA ASP A 131 -1.98 19.12 -13.96
C ASP A 131 -1.32 18.34 -15.10
N VAL A 132 -0.03 18.04 -14.96
CA VAL A 132 0.75 17.38 -16.01
C VAL A 132 1.10 15.94 -15.64
N LEU A 133 1.36 15.71 -14.35
CA LEU A 133 1.89 14.42 -13.88
C LEU A 133 1.01 13.74 -12.80
N PRO A 134 -0.31 13.72 -13.00
CA PRO A 134 -1.14 13.10 -11.95
C PRO A 134 -0.93 11.59 -11.90
N GLY A 135 -1.23 10.98 -10.76
CA GLY A 135 -1.29 9.51 -10.69
C GLY A 135 -0.51 8.91 -9.55
N GLY A 136 0.43 9.67 -8.98
CA GLY A 136 1.24 9.19 -7.87
C GLY A 136 0.93 9.87 -6.54
N PRO A 137 1.66 9.48 -5.48
CA PRO A 137 1.41 10.00 -4.14
C PRO A 137 1.80 11.46 -4.06
N THR A 138 1.09 12.19 -3.20
CA THR A 138 1.32 13.64 -3.03
C THR A 138 1.56 14.06 -1.58
N TYR A 139 1.97 13.11 -0.73
CA TYR A 139 2.39 13.42 0.65
C TYR A 139 3.38 14.58 0.75
N LEU A 140 4.29 14.68 -0.22
CA LEU A 140 5.31 15.71 -0.20
C LEU A 140 4.78 17.15 -0.31
N ILE A 141 3.62 17.31 -0.95
CA ILE A 141 3.12 18.65 -1.27
C ILE A 141 2.82 19.48 0.00
N PRO A 142 1.96 18.99 0.92
CA PRO A 142 1.73 19.80 2.14
C PRO A 142 2.95 19.99 3.01
N LEU A 143 3.90 19.04 2.97
CA LEU A 143 5.10 19.12 3.79
C LEU A 143 6.10 20.15 3.28
N LEU A 144 6.02 20.48 1.98
CA LEU A 144 7.02 21.36 1.35
C LEU A 144 6.48 22.68 0.79
N ASP A 145 5.16 22.76 0.60
CA ASP A 145 4.54 23.95 0.00
C ASP A 145 4.36 25.07 1.02
N ASP A 146 4.66 26.30 0.61
CA ASP A 146 4.39 27.48 1.43
C ASP A 146 3.00 28.00 1.03
N PRO A 147 2.03 27.92 1.95
CA PRO A 147 0.66 28.39 1.66
C PRO A 147 0.62 29.88 1.27
N GLU A 148 1.60 30.65 1.72
CA GLU A 148 1.68 32.10 1.44
C GLU A 148 2.31 32.35 0.08
N ARG A 149 2.97 31.33 -0.47
CA ARG A 149 3.71 31.49 -1.72
C ARG A 149 3.74 30.14 -2.44
N PRO A 150 2.57 29.69 -2.94
CA PRO A 150 2.42 28.33 -3.48
C PRO A 150 3.37 28.06 -4.64
N TYR A 151 3.89 26.84 -4.65
CA TYR A 151 4.81 26.44 -5.69
C TYR A 151 4.01 25.79 -6.82
N PRO A 152 4.11 26.34 -8.05
CA PRO A 152 3.28 25.85 -9.16
C PRO A 152 3.89 24.68 -9.97
N GLY A 153 4.97 24.10 -9.47
CA GLY A 153 5.65 23.03 -10.21
C GLY A 153 6.71 23.57 -11.16
N PRO A 154 7.59 22.68 -11.64
CA PRO A 154 8.77 23.10 -12.38
C PRO A 154 8.56 23.45 -13.86
N TYR A 155 7.35 23.25 -14.36
CA TYR A 155 7.03 23.64 -15.73
C TYR A 155 6.52 25.09 -15.80
N ARG A 156 6.03 25.60 -14.66
CA ARG A 156 5.40 26.93 -14.60
C ARG A 156 6.31 28.00 -14.02
N THR A 157 7.38 27.56 -13.35
CA THR A 157 8.43 28.46 -12.88
C THR A 157 9.76 27.73 -12.87
N ASP A 158 10.85 28.47 -13.09
CA ASP A 158 12.17 27.86 -12.96
C ASP A 158 12.82 28.19 -11.61
N GLU A 159 12.10 28.92 -10.75
CA GLU A 159 12.63 29.12 -9.40
C GLU A 159 12.44 27.83 -8.60
N PRO A 160 13.52 27.34 -7.95
CA PRO A 160 13.33 26.10 -7.20
C PRO A 160 12.37 26.27 -6.04
N LEU A 161 11.82 25.14 -5.61
CA LEU A 161 11.04 25.06 -4.41
C LEU A 161 11.87 25.59 -3.23
N ARG A 162 11.33 26.56 -2.51
CA ARG A 162 12.08 27.29 -1.47
C ARG A 162 12.45 26.45 -0.25
N SER A 163 11.65 25.40 0.00
CA SER A 163 11.84 24.48 1.11
C SER A 163 12.84 23.36 0.78
N VAL A 164 13.38 23.34 -0.42
CA VAL A 164 14.38 22.30 -0.79
C VAL A 164 15.69 22.96 -1.24
N LEU A 165 16.73 22.78 -0.43
CA LEU A 165 18.03 23.36 -0.70
C LEU A 165 18.99 22.32 -1.25
N THR A 166 19.86 22.77 -2.15
CA THR A 166 20.91 21.93 -2.67
C THR A 166 22.25 22.68 -2.53
N PRO A 167 22.83 22.66 -1.32
CA PRO A 167 24.06 23.42 -1.03
C PRO A 167 25.21 23.05 -1.97
N ASP A 168 25.28 21.79 -2.38
CA ASP A 168 26.18 21.37 -3.45
C ASP A 168 25.55 20.21 -4.21
N GLU A 169 26.29 19.66 -5.18
CA GLU A 169 25.76 18.58 -6.04
C GLU A 169 25.48 17.27 -5.31
N HIS A 170 25.97 17.14 -4.07
CA HIS A 170 25.83 15.90 -3.31
C HIS A 170 25.16 16.07 -1.95
N THR A 171 24.41 17.16 -1.80
CA THR A 171 23.69 17.43 -0.55
C THR A 171 22.31 17.98 -0.86
N ILE A 172 21.32 17.51 -0.09
CA ILE A 172 19.96 18.01 -0.23
C ILE A 172 19.34 18.14 1.15
N VAL A 173 18.66 19.28 1.36
CA VAL A 173 18.06 19.62 2.65
C VAL A 173 16.57 19.93 2.43
N PHE A 174 15.71 19.24 3.16
CA PHE A 174 14.28 19.45 3.06
C PHE A 174 13.83 20.19 4.32
N ARG A 175 13.29 21.39 4.12
CA ARG A 175 12.78 22.19 5.24
C ARG A 175 11.27 22.06 5.28
N LEU A 176 10.78 21.22 6.19
CA LEU A 176 9.36 20.87 6.22
C LEU A 176 8.51 21.92 6.92
N THR A 177 7.23 21.96 6.58
CA THR A 177 6.28 22.91 7.16
C THR A 177 5.84 22.50 8.57
N ARG A 178 6.15 21.26 8.96
CA ARG A 178 5.76 20.68 10.24
C ARG A 178 6.67 19.47 10.49
N PRO A 179 6.80 19.04 11.75
CA PRO A 179 7.56 17.82 12.03
C PRO A 179 6.95 16.63 11.28
N PHE A 180 7.81 15.73 10.80
CA PHE A 180 7.31 14.55 10.12
C PHE A 180 8.27 13.38 10.30
N SER A 181 7.94 12.55 11.29
CA SER A 181 8.79 11.47 11.76
C SER A 181 9.14 10.48 10.66
N ASP A 182 8.25 10.32 9.69
CA ASP A 182 8.36 9.23 8.71
C ASP A 182 8.97 9.66 7.38
N PHE A 183 9.75 10.74 7.39
CA PHE A 183 10.22 11.31 6.13
C PHE A 183 11.09 10.36 5.27
N ASP A 184 11.92 9.52 5.91
CA ASP A 184 12.71 8.54 5.13
C ASP A 184 11.80 7.67 4.24
N HIS A 185 10.60 7.38 4.73
CA HIS A 185 9.65 6.56 3.97
C HIS A 185 9.19 7.30 2.71
N LEU A 186 8.97 8.61 2.82
CA LEU A 186 8.61 9.39 1.63
C LEU A 186 9.75 9.44 0.62
N MET A 187 10.98 9.40 1.12
CA MET A 187 12.15 9.40 0.25
C MET A 187 12.36 8.05 -0.44
N ALA A 188 11.63 7.03 0.01
CA ALA A 188 11.73 5.67 -0.53
C ALA A 188 10.66 5.40 -1.61
N GLN A 189 9.72 6.34 -1.77
CA GLN A 189 8.65 6.19 -2.78
C GLN A 189 9.23 6.55 -4.17
N PRO A 190 8.74 5.90 -5.24
CA PRO A 190 9.27 6.20 -6.57
C PRO A 190 9.15 7.65 -7.04
N CYS A 191 8.17 8.39 -6.53
CA CYS A 191 8.06 9.79 -6.93
C CYS A 191 9.26 10.62 -6.43
N ALA A 192 10.09 10.07 -5.53
CA ALA A 192 11.30 10.76 -5.06
C ALA A 192 12.60 10.22 -5.70
N ALA A 193 12.48 9.27 -6.64
CA ALA A 193 13.62 8.86 -7.44
C ALA A 193 14.12 10.01 -8.32
N PRO A 194 15.45 10.22 -8.41
CA PRO A 194 15.89 11.39 -9.20
C PRO A 194 15.45 11.38 -10.67
N VAL A 195 15.08 12.57 -11.14
CA VAL A 195 14.75 12.78 -12.56
C VAL A 195 15.55 14.00 -12.99
N PRO A 196 16.49 13.83 -13.93
CA PRO A 196 17.25 15.03 -14.30
C PRO A 196 16.43 15.94 -15.20
N ARG A 197 16.39 17.23 -14.90
CA ARG A 197 15.56 18.19 -15.66
C ARG A 197 15.82 18.13 -17.18
N ARG A 198 17.10 17.93 -17.54
CA ARG A 198 17.50 17.86 -18.96
C ARG A 198 16.77 16.76 -19.75
N SER A 199 16.28 15.73 -19.08
CA SER A 199 15.59 14.61 -19.74
C SER A 199 14.10 14.56 -19.46
N ASP A 200 13.62 15.56 -18.72
CA ASP A 200 12.23 15.56 -18.28
C ASP A 200 11.29 16.08 -19.36
N THR A 201 10.72 15.14 -20.11
CA THR A 201 9.75 15.43 -21.16
C THR A 201 8.31 15.56 -20.64
N GLY A 202 8.15 15.73 -19.32
CA GLY A 202 6.85 16.06 -18.74
C GLY A 202 5.84 14.94 -18.93
N ALA A 203 4.72 15.26 -19.59
CA ALA A 203 3.62 14.31 -19.77
C ALA A 203 4.08 13.04 -20.51
N ASP A 204 5.17 13.16 -21.26
CA ASP A 204 5.69 12.07 -22.09
C ASP A 204 6.85 11.28 -21.45
N TYR A 205 7.18 11.60 -20.20
CA TYR A 205 8.39 11.04 -19.58
C TYR A 205 8.38 9.52 -19.53
N GLY A 206 7.20 8.94 -19.31
CA GLY A 206 7.04 7.47 -19.24
C GLY A 206 7.39 6.73 -20.52
N ARG A 207 7.40 7.44 -21.64
CA ARG A 207 7.79 6.86 -22.94
C ARG A 207 9.29 6.62 -23.07
N ASP A 208 10.07 7.32 -22.26
CA ASP A 208 11.53 7.21 -22.28
C ASP A 208 12.09 7.74 -20.97
N PRO A 209 11.81 7.04 -19.86
CA PRO A 209 12.31 7.53 -18.58
C PRO A 209 13.77 7.18 -18.40
N ARG A 210 14.52 8.04 -17.72
CA ARG A 210 15.88 7.69 -17.36
C ARG A 210 15.83 6.67 -16.20
N SER A 211 16.87 5.85 -16.10
CA SER A 211 16.96 4.86 -15.03
C SER A 211 18.23 5.07 -14.23
N SER A 212 18.10 5.05 -12.90
CA SER A 212 19.28 5.07 -12.03
C SER A 212 19.53 3.69 -11.42
N GLY A 213 18.61 2.77 -11.69
CA GLY A 213 18.68 1.42 -11.12
C GLY A 213 19.45 0.47 -12.01
N PRO A 214 19.53 -0.81 -11.58
CA PRO A 214 20.30 -1.80 -12.34
C PRO A 214 19.71 -2.17 -13.70
N TYR A 215 18.45 -1.83 -13.94
CA TYR A 215 17.80 -2.13 -15.24
C TYR A 215 17.20 -0.87 -15.85
N ARG A 216 17.03 -0.92 -17.16
CA ARG A 216 16.34 0.14 -17.88
C ARG A 216 15.26 -0.47 -18.78
N VAL A 217 14.26 0.32 -19.15
CA VAL A 217 13.23 -0.14 -20.08
C VAL A 217 13.83 -0.35 -21.47
N ALA A 218 13.73 -1.57 -21.98
CA ALA A 218 14.18 -1.87 -23.36
C ALA A 218 13.02 -1.70 -24.34
N ARG A 219 11.84 -2.19 -23.94
CA ARG A 219 10.66 -2.04 -24.75
C ARG A 219 9.42 -2.14 -23.89
N HIS A 220 8.43 -1.28 -24.17
CA HIS A 220 7.11 -1.40 -23.58
C HIS A 220 6.14 -1.40 -24.73
N GLU A 221 5.38 -2.47 -24.85
CA GLU A 221 4.25 -2.39 -25.74
C GLU A 221 2.95 -2.54 -24.96
N PRO A 222 2.15 -1.47 -24.92
CA PRO A 222 0.96 -1.37 -24.08
C PRO A 222 0.09 -2.62 -24.15
N ASP A 223 -0.35 -3.08 -22.99
CA ASP A 223 -1.22 -4.27 -22.85
C ASP A 223 -0.61 -5.57 -23.35
N THR A 224 0.71 -5.61 -23.57
CA THR A 224 1.33 -6.74 -24.21
C THR A 224 2.62 -7.23 -23.52
N LEU A 225 3.59 -6.33 -23.40
CA LEU A 225 4.86 -6.72 -22.78
C LEU A 225 5.66 -5.55 -22.27
N LEU A 226 6.56 -5.85 -21.34
CA LEU A 226 7.56 -4.91 -20.88
C LEU A 226 8.86 -5.69 -20.71
N HIS A 227 9.89 -5.29 -21.46
CA HIS A 227 11.20 -5.91 -21.34
C HIS A 227 12.19 -4.93 -20.75
N LEU A 228 12.96 -5.42 -19.78
CA LEU A 228 14.01 -4.64 -19.14
C LEU A 228 15.36 -5.26 -19.43
N GLU A 229 16.36 -4.41 -19.70
CA GLU A 229 17.73 -4.84 -19.90
C GLU A 229 18.63 -4.17 -18.85
N ARG A 230 19.86 -4.66 -18.73
CA ARG A 230 20.76 -4.07 -17.75
C ARG A 230 21.07 -2.61 -18.08
N ASN A 231 21.16 -1.81 -17.03
CA ASN A 231 21.66 -0.45 -17.10
C ASN A 231 23.18 -0.51 -17.05
N PRO A 232 23.84 -0.22 -18.19
CA PRO A 232 25.30 -0.45 -18.25
C PRO A 232 26.09 0.51 -17.35
N HIS A 233 25.44 1.59 -16.90
CA HIS A 233 26.14 2.57 -16.04
C HIS A 233 25.85 2.43 -14.55
N TRP A 234 24.95 1.52 -14.19
CA TRP A 234 24.71 1.23 -12.78
C TRP A 234 25.94 0.53 -12.18
N ASP A 235 26.33 0.93 -10.98
CA ASP A 235 27.55 0.42 -10.37
C ASP A 235 27.22 -0.42 -9.16
N ARG A 236 27.37 -1.73 -9.35
CA ARG A 236 27.09 -2.74 -8.34
C ARG A 236 27.77 -2.43 -6.99
N ALA A 237 29.01 -1.93 -7.07
CA ALA A 237 29.79 -1.58 -5.87
C ALA A 237 29.21 -0.45 -5.02
N THR A 238 28.29 0.33 -5.61
CA THR A 238 27.72 1.51 -4.96
C THR A 238 26.28 1.27 -4.48
N ASP A 239 25.79 0.06 -4.69
CA ASP A 239 24.38 -0.20 -4.39
C ASP A 239 24.26 -1.29 -3.31
N PRO A 240 23.84 -0.90 -2.09
CA PRO A 240 23.75 -1.86 -0.98
C PRO A 240 22.43 -2.63 -0.95
N ILE A 241 21.56 -2.39 -1.93
CA ILE A 241 20.18 -2.92 -1.93
C ILE A 241 20.01 -4.05 -2.95
N ARG A 242 20.56 -3.84 -4.14
CA ARG A 242 20.13 -4.60 -5.33
C ARG A 242 21.18 -5.57 -5.85
N PRO A 243 20.89 -6.90 -5.81
CA PRO A 243 21.83 -7.90 -6.36
C PRO A 243 21.89 -7.98 -7.87
N ALA A 244 20.83 -7.50 -8.54
CA ALA A 244 20.75 -7.46 -10.01
C ALA A 244 21.26 -8.74 -10.70
N LEU A 245 20.61 -9.84 -10.36
CA LEU A 245 21.04 -11.16 -10.82
C LEU A 245 20.69 -11.47 -12.29
N PRO A 246 19.42 -11.29 -12.71
CA PRO A 246 19.12 -11.64 -14.11
C PRO A 246 19.77 -10.71 -15.11
N ASP A 247 20.09 -11.23 -16.29
CA ASP A 247 20.55 -10.37 -17.36
C ASP A 247 19.39 -9.59 -18.01
N ARG A 248 18.18 -10.12 -17.88
CA ARG A 248 17.02 -9.55 -18.56
C ARG A 248 15.77 -9.89 -17.75
N VAL A 249 14.81 -8.97 -17.78
CA VAL A 249 13.50 -9.23 -17.16
C VAL A 249 12.42 -9.01 -18.23
N GLU A 250 11.58 -10.02 -18.42
CA GLU A 250 10.52 -9.96 -19.43
C GLU A 250 9.16 -10.17 -18.78
N LEU A 251 8.34 -9.13 -18.83
CA LEU A 251 6.98 -9.16 -18.30
C LEU A 251 5.98 -9.36 -19.42
N THR A 252 5.18 -10.43 -19.29
CA THR A 252 4.05 -10.67 -20.21
C THR A 252 2.80 -10.10 -19.54
N ILE A 253 2.05 -9.31 -20.30
CA ILE A 253 0.96 -8.49 -19.76
C ILE A 253 -0.38 -8.88 -20.39
N GLY A 254 -1.43 -8.88 -19.58
CA GLY A 254 -2.79 -8.87 -20.14
C GLY A 254 -3.56 -10.17 -20.06
N LEU A 255 -2.97 -11.20 -19.48
CA LEU A 255 -3.65 -12.50 -19.38
C LEU A 255 -4.85 -12.49 -18.44
N ASP A 256 -5.89 -13.25 -18.79
CA ASP A 256 -6.95 -13.57 -17.86
C ASP A 256 -6.34 -14.12 -16.56
N VAL A 257 -6.95 -13.84 -15.41
CA VAL A 257 -6.33 -14.24 -14.13
C VAL A 257 -6.18 -15.77 -13.94
N ASP A 258 -7.17 -16.54 -14.40
CA ASP A 258 -7.06 -18.00 -14.33
C ASP A 258 -6.07 -18.58 -15.35
N VAL A 259 -6.03 -17.99 -16.54
CA VAL A 259 -5.04 -18.34 -17.57
C VAL A 259 -3.64 -18.12 -16.97
N LEU A 260 -3.47 -16.96 -16.34
CA LEU A 260 -2.19 -16.61 -15.68
C LEU A 260 -1.77 -17.69 -14.68
N ASP A 261 -2.66 -18.05 -13.76
CA ASP A 261 -2.33 -19.03 -12.71
C ASP A 261 -1.93 -20.37 -13.36
N ALA A 262 -2.70 -20.79 -14.36
CA ALA A 262 -2.44 -22.07 -15.04
C ALA A 262 -1.05 -22.12 -15.68
N ARG A 263 -0.69 -21.04 -16.37
CA ARG A 263 0.56 -20.98 -17.10
C ARG A 263 1.73 -20.81 -16.12
N LEU A 264 1.48 -20.08 -15.02
CA LEU A 264 2.48 -19.93 -13.95
C LEU A 264 2.82 -21.29 -13.32
N ILE A 265 1.78 -22.01 -12.92
CA ILE A 265 1.96 -23.29 -12.24
C ILE A 265 2.62 -24.31 -13.19
N ALA A 266 2.30 -24.20 -14.48
CA ALA A 266 2.91 -25.02 -15.52
C ALA A 266 4.40 -24.69 -15.79
N GLY A 267 4.85 -23.54 -15.28
CA GLY A 267 6.25 -23.10 -15.40
C GLY A 267 6.56 -22.26 -16.62
N GLU A 268 5.52 -21.79 -17.33
CA GLU A 268 5.72 -20.97 -18.51
C GLU A 268 6.15 -19.56 -18.15
N PHE A 269 5.81 -19.15 -16.93
CA PHE A 269 6.29 -17.92 -16.33
C PHE A 269 6.88 -18.27 -14.98
N ASP A 270 7.82 -17.45 -14.51
CA ASP A 270 8.50 -17.74 -13.27
C ASP A 270 7.71 -17.29 -12.05
N ILE A 271 7.19 -16.05 -12.11
CA ILE A 271 6.55 -15.39 -10.97
C ILE A 271 5.47 -14.46 -11.48
N ASN A 272 4.36 -14.37 -10.74
CA ASN A 272 3.34 -13.35 -10.99
C ASN A 272 3.78 -12.01 -10.36
N LEU A 273 4.19 -11.08 -11.21
CA LEU A 273 4.60 -9.74 -10.76
C LEU A 273 3.47 -8.96 -10.12
N GLU A 274 2.27 -9.03 -10.72
CA GLU A 274 1.15 -8.22 -10.25
C GLU A 274 0.78 -8.60 -8.81
N GLY A 275 0.93 -9.89 -8.51
CA GLY A 275 0.88 -10.35 -7.12
C GLY A 275 -0.46 -10.29 -6.43
N ARG A 276 -1.55 -10.42 -7.18
CA ARG A 276 -2.87 -10.45 -6.56
C ARG A 276 -3.21 -11.80 -5.94
N GLY A 277 -2.29 -12.75 -6.03
CA GLY A 277 -2.49 -14.08 -5.47
C GLY A 277 -3.09 -15.05 -6.48
N LEU A 278 -3.06 -16.32 -6.12
CA LEU A 278 -3.79 -17.34 -6.86
C LEU A 278 -5.29 -17.06 -6.74
N GLN A 279 -5.99 -17.23 -7.86
CA GLN A 279 -7.44 -17.15 -7.91
C GLN A 279 -8.05 -18.44 -7.37
N HIS A 280 -9.38 -18.46 -7.28
CA HIS A 280 -10.05 -19.56 -6.57
C HIS A 280 -9.65 -20.94 -7.07
N ALA A 281 -9.67 -21.13 -8.39
CA ALA A 281 -9.38 -22.45 -8.98
C ALA A 281 -7.98 -22.94 -8.60
N ALA A 282 -6.98 -22.08 -8.76
CA ALA A 282 -5.60 -22.45 -8.45
C ALA A 282 -5.36 -22.55 -6.94
N GLN A 283 -6.07 -21.73 -6.16
CA GLN A 283 -6.02 -21.82 -4.69
C GLN A 283 -6.40 -23.21 -4.22
N ARG A 284 -7.52 -23.72 -4.75
CA ARG A 284 -8.00 -25.06 -4.40
C ARG A 284 -6.99 -26.13 -4.77
N ARG A 285 -6.48 -26.00 -5.99
CA ARG A 285 -5.53 -26.94 -6.52
C ARG A 285 -4.24 -26.95 -5.68
N ALA A 286 -3.69 -25.76 -5.43
CA ALA A 286 -2.40 -25.64 -4.72
C ALA A 286 -2.48 -26.07 -3.26
N THR A 287 -3.50 -25.62 -2.56
CA THR A 287 -3.61 -25.86 -1.12
C THR A 287 -3.96 -27.30 -0.79
N ALA A 288 -4.45 -28.03 -1.81
CA ALA A 288 -4.86 -29.42 -1.64
C ALA A 288 -3.75 -30.44 -1.97
N ASP A 289 -2.77 -30.02 -2.76
CA ASP A 289 -1.72 -30.90 -3.27
C ASP A 289 -0.43 -30.69 -2.47
N GLU A 290 0.10 -31.77 -1.92
CA GLU A 290 1.29 -31.70 -1.07
C GLU A 290 2.51 -31.10 -1.77
N VAL A 291 2.71 -31.43 -3.05
CA VAL A 291 3.82 -30.85 -3.81
C VAL A 291 3.55 -29.37 -4.09
N LEU A 292 2.34 -29.05 -4.53
CA LEU A 292 2.02 -27.65 -4.81
C LEU A 292 2.07 -26.74 -3.57
N ARG A 293 1.61 -27.25 -2.42
CA ARG A 293 1.75 -26.53 -1.14
C ARG A 293 3.19 -26.10 -0.87
N SER A 294 4.15 -26.95 -1.25
CA SER A 294 5.57 -26.69 -0.97
C SER A 294 6.11 -25.50 -1.78
N HIS A 295 5.36 -25.08 -2.79
CA HIS A 295 5.71 -23.94 -3.65
C HIS A 295 4.83 -22.71 -3.39
N THR A 296 4.12 -22.70 -2.26
CA THR A 296 3.16 -21.63 -1.97
C THR A 296 3.44 -20.90 -0.65
N ASP A 297 3.26 -19.58 -0.66
CA ASP A 297 3.37 -18.72 0.53
C ASP A 297 2.02 -18.05 0.77
N ASN A 298 1.65 -17.90 2.04
CA ASN A 298 0.33 -17.37 2.40
C ASN A 298 0.48 -16.17 3.36
N PRO A 299 1.12 -15.08 2.88
CA PRO A 299 1.37 -13.95 3.80
C PRO A 299 0.14 -13.10 4.06
N ARG A 300 0.17 -12.36 5.17
CA ARG A 300 -0.67 -11.16 5.30
C ARG A 300 -0.21 -10.16 4.22
N THR A 301 -1.18 -9.43 3.63
CA THR A 301 -0.91 -8.38 2.63
C THR A 301 -0.77 -6.99 3.26
N SER A 302 -1.08 -6.90 4.55
CA SER A 302 -1.14 -5.64 5.33
C SER A 302 -2.36 -4.77 4.99
N PHE A 303 -3.23 -5.26 4.10
CA PHE A 303 -4.53 -4.60 3.83
C PHE A 303 -5.53 -4.93 4.93
N LEU A 304 -6.37 -3.95 5.25
CA LEU A 304 -7.45 -4.13 6.20
C LEU A 304 -8.76 -4.05 5.41
N HIS A 305 -9.65 -5.00 5.67
CA HIS A 305 -10.99 -4.97 5.14
C HIS A 305 -11.88 -4.46 6.25
N PHE A 306 -12.70 -3.46 5.95
CA PHE A 306 -13.52 -2.85 6.99
C PHE A 306 -14.82 -2.25 6.50
N VAL A 307 -15.71 -1.93 7.44
CA VAL A 307 -16.94 -1.22 7.09
C VAL A 307 -16.87 0.13 7.77
N ALA A 308 -17.12 1.19 7.03
CA ALA A 308 -17.10 2.55 7.57
C ALA A 308 -18.52 3.04 7.76
N MET A 309 -18.75 3.76 8.86
CA MET A 309 -20.06 4.34 9.13
C MET A 309 -19.94 5.87 9.19
N GLN A 310 -20.90 6.56 8.58
CA GLN A 310 -20.77 7.97 8.23
C GLN A 310 -21.70 8.81 9.08
N PRO A 311 -21.16 9.53 10.08
CA PRO A 311 -21.98 10.40 10.94
C PRO A 311 -22.81 11.46 10.18
N HIS A 312 -22.33 11.89 9.01
CA HIS A 312 -23.10 12.80 8.11
C HIS A 312 -24.37 12.19 7.49
N ILE A 313 -24.57 10.89 7.69
CA ILE A 313 -25.76 10.20 7.23
C ILE A 313 -26.58 9.67 8.40
N PRO A 314 -27.61 10.42 8.82
CA PRO A 314 -28.51 9.92 9.87
C PRO A 314 -29.05 8.52 9.59
N PRO A 315 -29.18 7.67 10.63
CA PRO A 315 -28.96 7.92 12.06
C PRO A 315 -27.55 7.60 12.54
N PHE A 316 -26.58 7.55 11.61
CA PHE A 316 -25.21 7.15 11.94
C PHE A 316 -24.42 8.24 12.66
N ASP A 317 -25.05 9.40 12.84
CA ASP A 317 -24.50 10.46 13.67
C ASP A 317 -24.49 10.07 15.15
N ASN A 318 -25.35 9.11 15.52
CA ASN A 318 -25.48 8.68 16.91
C ASN A 318 -24.49 7.56 17.21
N VAL A 319 -23.61 7.77 18.19
CA VAL A 319 -22.60 6.74 18.53
C VAL A 319 -23.24 5.39 18.88
N HIS A 320 -24.44 5.41 19.46
CA HIS A 320 -25.07 4.16 19.86
C HIS A 320 -25.59 3.34 18.70
N VAL A 321 -26.09 4.02 17.66
CA VAL A 321 -26.37 3.35 16.38
C VAL A 321 -25.10 2.64 15.87
N ARG A 322 -23.97 3.34 15.88
CA ARG A 322 -22.71 2.77 15.37
C ARG A 322 -22.23 1.61 16.21
N ARG A 323 -22.31 1.74 17.53
CA ARG A 323 -21.96 0.62 18.42
C ARG A 323 -22.90 -0.59 18.23
N ALA A 324 -24.20 -0.34 18.00
CA ALA A 324 -25.16 -1.41 17.74
C ALA A 324 -24.68 -2.24 16.55
N VAL A 325 -24.25 -1.55 15.48
CA VAL A 325 -23.75 -2.24 14.28
C VAL A 325 -22.52 -3.10 14.63
N GLN A 326 -21.59 -2.55 15.41
CA GLN A 326 -20.38 -3.29 15.78
C GLN A 326 -20.75 -4.58 16.54
N TYR A 327 -21.63 -4.44 17.54
CA TYR A 327 -22.05 -5.60 18.35
C TYR A 327 -22.76 -6.66 17.53
N ALA A 328 -23.57 -6.22 16.55
CA ALA A 328 -24.42 -7.13 15.77
C ALA A 328 -23.71 -7.72 14.55
N ALA A 329 -22.45 -7.42 14.37
CA ALA A 329 -21.69 -7.97 13.26
C ALA A 329 -21.40 -9.45 13.53
N ASP A 330 -21.78 -10.30 12.58
CA ASP A 330 -21.41 -11.71 12.64
C ASP A 330 -20.06 -11.86 11.98
N LYS A 331 -18.99 -11.87 12.78
CA LYS A 331 -17.63 -11.81 12.26
C LYS A 331 -17.29 -13.05 11.46
N ILE A 332 -17.85 -14.19 11.88
CA ILE A 332 -17.65 -15.46 11.18
C ILE A 332 -18.29 -15.41 9.79
N LEU A 333 -19.56 -15.00 9.74
CA LEU A 333 -20.29 -14.83 8.48
C LEU A 333 -19.57 -13.85 7.54
N LEU A 334 -19.10 -12.74 8.11
CA LEU A 334 -18.39 -11.71 7.34
C LEU A 334 -17.05 -12.22 6.78
N GLN A 335 -16.31 -12.98 7.58
CA GLN A 335 -15.06 -13.56 7.14
C GLN A 335 -15.35 -14.60 6.04
N ASP A 336 -16.41 -15.39 6.23
CA ASP A 336 -16.82 -16.39 5.23
C ASP A 336 -17.16 -15.74 3.89
N ALA A 337 -17.79 -14.57 3.93
CA ALA A 337 -18.05 -13.79 2.73
C ALA A 337 -16.75 -13.36 2.06
N ARG A 338 -15.69 -13.19 2.86
CA ARG A 338 -14.35 -12.77 2.42
C ARG A 338 -13.49 -13.97 1.96
N GLY A 339 -14.06 -15.17 1.99
CA GLY A 339 -13.40 -16.40 1.51
C GLY A 339 -13.09 -17.37 2.64
N GLY A 340 -13.63 -17.06 3.81
CA GLY A 340 -13.01 -17.42 5.06
C GLY A 340 -13.38 -18.59 5.92
N PRO A 341 -14.08 -19.61 5.39
CA PRO A 341 -13.95 -20.79 6.24
C PRO A 341 -12.45 -21.05 6.49
N VAL A 342 -11.66 -21.16 5.42
CA VAL A 342 -10.22 -21.37 5.55
C VAL A 342 -9.33 -20.31 4.88
N ASN A 343 -9.88 -19.58 3.91
CA ASN A 343 -9.09 -18.57 3.17
C ASN A 343 -9.67 -17.15 3.19
N GLY A 344 -10.11 -16.70 4.36
CA GLY A 344 -10.76 -15.39 4.47
C GLY A 344 -9.95 -14.40 5.27
N GLY A 345 -8.63 -14.46 5.12
CA GLY A 345 -7.76 -13.52 5.85
C GLY A 345 -7.77 -13.81 7.34
N ASP A 346 -7.33 -12.83 8.13
CA ASP A 346 -7.13 -13.01 9.55
C ASP A 346 -8.09 -12.11 10.31
N LEU A 347 -8.97 -12.70 11.12
CA LEU A 347 -9.93 -11.91 11.91
C LEU A 347 -9.23 -10.84 12.72
N THR A 348 -9.83 -9.66 12.79
CA THR A 348 -9.32 -8.59 13.62
C THR A 348 -10.46 -7.80 14.25
N THR A 349 -10.25 -7.35 15.49
CA THR A 349 -11.18 -6.45 16.18
C THR A 349 -10.60 -5.04 16.31
N ALA A 350 -9.41 -4.83 15.74
CA ALA A 350 -8.78 -3.51 15.72
C ALA A 350 -8.22 -3.20 14.32
N LEU A 351 -7.54 -2.07 14.19
CA LEU A 351 -7.18 -1.53 12.88
C LEU A 351 -5.75 -1.84 12.43
N PHE A 352 -4.77 -1.56 13.28
CA PHE A 352 -3.37 -1.75 12.90
C PHE A 352 -3.05 -3.20 12.51
N PRO A 353 -2.36 -3.38 11.37
CA PRO A 353 -1.74 -4.68 11.06
C PRO A 353 -0.69 -5.03 12.11
N PRO A 354 -0.47 -6.33 12.38
CA PRO A 354 0.51 -6.74 13.39
C PRO A 354 1.98 -6.46 13.03
N THR A 355 2.24 -5.96 11.82
CA THR A 355 3.59 -5.52 11.44
C THR A 355 3.99 -4.20 12.10
N LEU A 356 3.01 -3.48 12.62
CA LEU A 356 3.27 -2.16 13.19
C LEU A 356 3.48 -2.23 14.70
N PRO A 357 4.46 -1.46 15.22
CA PRO A 357 4.78 -1.39 16.65
C PRO A 357 3.58 -1.16 17.54
N ALA A 358 2.64 -0.31 17.09
CA ALA A 358 1.52 0.08 17.93
C ALA A 358 0.44 -0.98 18.05
N HIS A 359 0.53 -2.04 17.25
CA HIS A 359 -0.44 -3.11 17.27
C HIS A 359 -0.72 -3.57 18.71
N GLN A 360 -2.00 -3.71 19.04
CA GLN A 360 -2.44 -3.96 20.42
C GLN A 360 -3.72 -4.78 20.49
N ASP A 361 -3.95 -5.37 21.66
CA ASP A 361 -5.24 -5.97 21.96
C ASP A 361 -6.25 -4.88 22.21
N LEU A 362 -7.27 -4.83 21.36
CA LEU A 362 -8.29 -3.81 21.49
C LEU A 362 -9.58 -4.37 20.92
N ASP A 363 -10.55 -4.62 21.78
CA ASP A 363 -11.83 -5.18 21.34
C ASP A 363 -12.95 -4.53 22.14
N LEU A 364 -13.34 -3.32 21.75
CA LEU A 364 -14.31 -2.55 22.54
C LEU A 364 -15.73 -3.10 22.46
N TYR A 365 -16.04 -3.81 21.36
CA TYR A 365 -17.39 -4.30 21.10
C TYR A 365 -17.37 -5.79 20.79
N PRO A 366 -17.10 -6.62 21.82
CA PRO A 366 -16.93 -8.05 21.52
C PRO A 366 -18.23 -8.66 20.98
N THR A 367 -18.10 -9.66 20.11
CA THR A 367 -19.28 -10.23 19.43
C THR A 367 -19.70 -11.59 20.00
N GLY A 368 -19.51 -11.79 21.29
CA GLY A 368 -20.02 -12.99 21.94
C GLY A 368 -19.05 -14.16 21.90
N PRO A 369 -19.39 -15.24 22.62
CA PRO A 369 -18.50 -16.40 22.76
C PRO A 369 -18.19 -17.12 21.44
N ASP A 370 -19.08 -17.03 20.44
CA ASP A 370 -18.89 -17.66 19.14
C ASP A 370 -18.53 -16.66 18.03
N LEU A 371 -18.34 -15.40 18.43
CA LEU A 371 -17.94 -14.32 17.52
C LEU A 371 -19.03 -14.00 16.49
N ARG A 372 -20.25 -14.45 16.74
CA ARG A 372 -21.32 -14.27 15.75
C ARG A 372 -22.22 -13.06 16.00
N GLY A 373 -21.92 -12.32 17.06
CA GLY A 373 -22.70 -11.13 17.41
C GLY A 373 -23.21 -11.18 18.83
N ASP A 374 -23.12 -10.05 19.53
CA ASP A 374 -23.77 -9.89 20.82
C ASP A 374 -25.07 -9.09 20.61
N LEU A 375 -26.16 -9.81 20.38
CA LEU A 375 -27.41 -9.15 20.00
C LEU A 375 -28.05 -8.44 21.18
N ASP A 376 -27.85 -8.95 22.39
CA ASP A 376 -28.32 -8.26 23.60
C ASP A 376 -27.65 -6.87 23.70
N ALA A 377 -26.33 -6.85 23.55
CA ALA A 377 -25.56 -5.60 23.59
C ALA A 377 -26.01 -4.65 22.48
N ALA A 378 -26.20 -5.19 21.27
CA ALA A 378 -26.68 -4.38 20.14
C ALA A 378 -28.05 -3.74 20.41
N ARG A 379 -28.99 -4.53 20.94
CA ARG A 379 -30.34 -4.01 21.22
C ARG A 379 -30.31 -2.93 22.27
N ALA A 380 -29.42 -3.08 23.27
CA ALA A 380 -29.28 -2.08 24.31
C ALA A 380 -28.76 -0.77 23.72
N GLU A 381 -27.81 -0.89 22.80
CA GLU A 381 -27.30 0.28 22.08
C GLU A 381 -28.41 0.94 21.25
N LEU A 382 -29.20 0.15 20.56
CA LEU A 382 -30.33 0.68 19.76
C LEU A 382 -31.30 1.44 20.66
N ALA A 383 -31.59 0.89 21.83
CA ALA A 383 -32.44 1.63 22.79
C ALA A 383 -31.82 2.98 23.19
N ALA A 384 -30.51 2.99 23.44
CA ALA A 384 -29.78 4.21 23.77
C ALA A 384 -29.89 5.29 22.67
N ALA A 385 -29.96 4.83 21.42
CA ALA A 385 -30.10 5.70 20.24
C ALA A 385 -31.51 6.24 20.04
N GLY A 386 -32.47 5.73 20.83
CA GLY A 386 -33.89 6.04 20.65
C GLY A 386 -34.48 5.31 19.45
N LEU A 387 -33.82 4.24 19.03
CA LEU A 387 -34.29 3.40 17.92
C LEU A 387 -34.32 1.92 18.30
N PRO A 388 -35.12 1.57 19.33
CA PRO A 388 -35.02 0.24 19.91
C PRO A 388 -35.39 -0.90 18.97
N ASP A 389 -36.25 -0.62 17.99
CA ASP A 389 -36.71 -1.66 17.05
C ASP A 389 -35.88 -1.67 15.76
N GLY A 390 -34.87 -0.80 15.69
CA GLY A 390 -34.04 -0.72 14.50
C GLY A 390 -34.44 0.43 13.60
N PHE A 391 -33.99 0.37 12.35
CA PHE A 391 -34.18 1.47 11.40
C PHE A 391 -33.80 0.95 10.01
N ARG A 392 -34.01 1.78 9.00
CA ARG A 392 -33.62 1.44 7.63
C ARG A 392 -32.44 2.28 7.21
N ALA A 393 -31.56 1.68 6.42
CA ALA A 393 -30.36 2.36 5.95
C ALA A 393 -29.84 1.71 4.68
N VAL A 394 -28.81 2.33 4.11
CA VAL A 394 -28.22 1.85 2.86
C VAL A 394 -26.72 1.61 3.04
N ILE A 395 -26.24 0.46 2.55
CA ILE A 395 -24.81 0.15 2.53
C ILE A 395 -24.28 0.25 1.10
N GLY A 396 -23.20 0.99 0.93
CA GLY A 396 -22.56 1.13 -0.37
C GLY A 396 -21.46 0.10 -0.52
N THR A 397 -21.37 -0.45 -1.73
CA THR A 397 -20.40 -1.49 -2.02
C THR A 397 -20.07 -1.52 -3.52
N GLN A 398 -19.25 -2.50 -3.90
CA GLN A 398 -18.93 -2.80 -5.31
C GLN A 398 -19.53 -4.14 -5.65
N ARG A 399 -19.70 -4.39 -6.96
CA ARG A 399 -19.98 -5.75 -7.46
C ARG A 399 -18.83 -6.69 -7.09
N GLY A 400 -19.15 -7.97 -6.83
CA GLY A 400 -18.13 -8.97 -6.53
C GLY A 400 -17.95 -9.28 -5.05
N LYS A 401 -16.70 -9.39 -4.63
CA LYS A 401 -16.35 -9.81 -3.27
C LYS A 401 -16.92 -8.85 -2.22
N PHE A 402 -16.81 -7.55 -2.50
CA PHE A 402 -17.38 -6.52 -1.62
C PHE A 402 -18.89 -6.66 -1.47
N ARG A 403 -19.57 -7.14 -2.53
CA ARG A 403 -21.02 -7.35 -2.47
C ARG A 403 -21.39 -8.50 -1.54
N LEU A 404 -20.63 -9.60 -1.62
CA LEU A 404 -20.88 -10.71 -0.70
C LEU A 404 -20.71 -10.25 0.75
N VAL A 405 -19.70 -9.42 0.99
CA VAL A 405 -19.50 -8.83 2.32
C VAL A 405 -20.72 -7.96 2.70
N ALA A 406 -21.17 -7.11 1.77
CA ALA A 406 -22.31 -6.24 2.07
C ALA A 406 -23.53 -7.08 2.45
N ASP A 407 -23.73 -8.16 1.70
CA ASP A 407 -24.83 -9.08 1.96
C ASP A 407 -24.71 -9.69 3.34
N ALA A 408 -23.48 -10.01 3.76
CA ALA A 408 -23.24 -10.52 5.13
C ALA A 408 -23.56 -9.46 6.20
N VAL A 409 -23.31 -8.20 5.90
CA VAL A 409 -23.71 -7.10 6.81
C VAL A 409 -25.23 -7.00 6.91
N VAL A 410 -25.90 -7.09 5.75
CA VAL A 410 -27.37 -7.06 5.69
C VAL A 410 -27.95 -8.16 6.60
N GLU A 411 -27.46 -9.38 6.41
CA GLU A 411 -27.95 -10.54 7.17
C GLU A 411 -27.68 -10.38 8.68
N SER A 412 -26.47 -9.94 9.03
CA SER A 412 -26.06 -9.74 10.42
C SER A 412 -27.00 -8.77 11.14
N LEU A 413 -27.23 -7.63 10.50
CA LEU A 413 -27.93 -6.52 11.14
C LEU A 413 -29.44 -6.69 11.13
N ALA A 414 -29.94 -7.45 10.16
CA ALA A 414 -31.39 -7.78 10.14
C ALA A 414 -31.84 -8.41 11.46
N ARG A 415 -30.93 -9.09 12.16
CA ARG A 415 -31.25 -9.80 13.40
C ARG A 415 -31.69 -8.89 14.54
N VAL A 416 -31.35 -7.61 14.44
CA VAL A 416 -31.74 -6.62 15.46
C VAL A 416 -32.61 -5.51 14.86
N GLY A 417 -33.20 -5.79 13.69
CA GLY A 417 -34.14 -4.87 13.06
C GLY A 417 -33.52 -3.73 12.27
N ILE A 418 -32.21 -3.81 12.03
CA ILE A 418 -31.56 -2.87 11.12
C ILE A 418 -31.68 -3.42 9.71
N GLU A 419 -32.53 -2.77 8.92
CA GLU A 419 -32.91 -3.27 7.60
C GLU A 419 -32.15 -2.50 6.54
N LEU A 420 -31.21 -3.16 5.90
CA LEU A 420 -30.36 -2.50 4.93
C LEU A 420 -30.71 -2.92 3.52
N THR A 421 -30.68 -1.94 2.63
CA THR A 421 -30.60 -2.19 1.21
C THR A 421 -29.18 -1.87 0.72
N VAL A 422 -28.84 -2.43 -0.43
CA VAL A 422 -27.48 -2.38 -0.92
C VAL A 422 -27.44 -1.49 -2.18
N LYS A 423 -26.51 -0.53 -2.19
CA LYS A 423 -26.26 0.29 -3.36
C LYS A 423 -24.89 -0.06 -3.93
N GLU A 424 -24.87 -0.59 -5.15
CA GLU A 424 -23.60 -0.88 -5.82
C GLU A 424 -23.07 0.32 -6.58
N LEU A 425 -21.76 0.50 -6.51
CA LEU A 425 -21.11 1.60 -7.20
C LEU A 425 -20.05 1.04 -8.15
N ASP A 426 -19.80 1.75 -9.23
CA ASP A 426 -18.77 1.36 -10.21
C ASP A 426 -17.42 1.02 -9.55
N VAL A 427 -16.86 -0.12 -9.92
CA VAL A 427 -15.57 -0.60 -9.36
C VAL A 427 -14.38 0.30 -9.72
N ALA A 428 -14.24 0.62 -11.01
CA ALA A 428 -13.10 1.40 -11.51
C ALA A 428 -12.91 2.72 -10.77
N THR A 429 -14.01 3.40 -10.50
CA THR A 429 -13.99 4.73 -9.90
C THR A 429 -14.43 4.74 -8.45
N TYR A 430 -14.41 3.59 -7.79
CA TYR A 430 -14.92 3.47 -6.41
C TYR A 430 -14.25 4.46 -5.44
N PHE A 431 -12.96 4.72 -5.64
CA PHE A 431 -12.21 5.66 -4.77
C PHE A 431 -12.23 7.11 -5.25
N SER A 432 -12.22 7.31 -6.56
CA SER A 432 -12.24 8.66 -7.13
C SER A 432 -13.63 9.31 -7.06
N LEU A 433 -14.66 8.50 -7.37
CA LEU A 433 -16.01 9.05 -7.52
C LEU A 433 -17.06 8.32 -6.70
N GLY A 434 -16.70 7.18 -6.11
CA GLY A 434 -17.68 6.33 -5.43
C GLY A 434 -17.67 6.56 -3.92
N ALA A 435 -17.29 5.51 -3.18
CA ALA A 435 -17.19 5.62 -1.72
C ALA A 435 -16.17 6.71 -1.34
N GLY A 436 -15.17 6.89 -2.21
CA GLY A 436 -14.09 7.88 -1.98
C GLY A 436 -14.45 9.33 -2.26
N HIS A 437 -15.71 9.59 -2.62
CA HIS A 437 -16.16 10.96 -2.85
C HIS A 437 -17.29 11.35 -1.90
N PRO A 438 -17.01 12.30 -0.99
CA PRO A 438 -17.98 12.77 0.00
C PRO A 438 -19.34 13.17 -0.56
N GLU A 439 -19.37 13.73 -1.78
CA GLU A 439 -20.64 14.14 -2.40
C GLU A 439 -21.45 12.91 -2.83
N THR A 440 -20.76 11.88 -3.31
CA THR A 440 -21.42 10.63 -3.71
C THR A 440 -22.07 9.96 -2.50
N VAL A 441 -21.32 9.92 -1.40
CA VAL A 441 -21.82 9.32 -0.16
C VAL A 441 -23.11 10.03 0.28
N ARG A 442 -23.14 11.34 0.15
CA ARG A 442 -24.34 12.11 0.50
C ARG A 442 -25.48 11.92 -0.51
N GLU A 443 -25.14 11.90 -1.80
CA GLU A 443 -26.12 11.72 -2.87
C GLU A 443 -26.96 10.46 -2.69
N HIS A 444 -26.29 9.33 -2.38
CA HIS A 444 -26.94 8.04 -2.24
C HIS A 444 -27.23 7.66 -0.80
N GLY A 445 -26.86 8.54 0.13
CA GLY A 445 -27.19 8.33 1.54
C GLY A 445 -26.59 7.02 2.08
N LEU A 446 -25.28 6.89 1.89
CA LEU A 446 -24.55 5.65 2.22
C LEU A 446 -24.03 5.70 3.65
N GLY A 447 -24.88 5.23 4.57
CA GLY A 447 -24.57 5.29 6.01
C GLY A 447 -23.50 4.28 6.37
N LEU A 448 -23.40 3.21 5.58
CA LEU A 448 -22.31 2.22 5.69
C LEU A 448 -21.61 2.04 4.34
N LEU A 449 -20.32 1.75 4.38
CA LEU A 449 -19.51 1.57 3.16
C LEU A 449 -18.56 0.42 3.38
N VAL A 450 -18.52 -0.50 2.41
CA VAL A 450 -17.58 -1.60 2.47
C VAL A 450 -16.34 -1.21 1.70
N THR A 451 -15.16 -1.38 2.29
CA THR A 451 -13.95 -1.09 1.55
C THR A 451 -12.75 -1.85 2.10
N ASP A 452 -11.61 -1.68 1.44
CA ASP A 452 -10.35 -2.17 1.98
C ASP A 452 -9.28 -1.11 1.78
N TRP A 453 -8.16 -1.26 2.48
CA TRP A 453 -7.13 -0.23 2.50
C TRP A 453 -5.78 -0.84 2.80
N GLY A 454 -4.73 -0.36 2.12
CA GLY A 454 -3.36 -0.67 2.48
C GLY A 454 -2.57 0.62 2.56
N ALA A 455 -1.68 0.71 3.54
CA ALA A 455 -0.87 1.92 3.76
C ALA A 455 0.08 2.14 2.59
N ASP A 456 0.36 3.41 2.29
CA ASP A 456 1.35 3.75 1.25
C ASP A 456 2.79 3.70 1.75
N PHE A 457 2.94 3.53 3.05
CA PHE A 457 4.23 3.24 3.69
C PHE A 457 3.94 2.58 5.03
N PRO A 458 4.80 1.63 5.44
CA PRO A 458 4.48 0.74 6.55
C PRO A 458 4.75 1.35 7.93
N THR A 459 3.99 2.39 8.25
CA THR A 459 4.05 3.01 9.58
C THR A 459 2.64 3.28 10.04
N GLU A 460 2.50 3.58 11.34
CA GLU A 460 1.20 3.94 11.92
C GLU A 460 0.58 5.16 11.24
N TYR A 461 1.40 6.18 10.95
CA TYR A 461 0.88 7.34 10.22
C TYR A 461 0.36 6.94 8.84
N GLY A 462 1.21 6.23 8.10
CA GLY A 462 0.86 5.80 6.75
C GLY A 462 -0.41 4.99 6.77
N PHE A 463 -0.53 4.13 7.77
CA PHE A 463 -1.70 3.25 7.85
C PHE A 463 -2.96 3.97 8.29
N LEU A 464 -2.90 4.68 9.42
CA LEU A 464 -4.10 5.19 10.08
C LEU A 464 -4.49 6.65 9.76
N ALA A 465 -3.52 7.52 9.51
CA ALA A 465 -3.87 8.92 9.28
C ALA A 465 -4.88 9.15 8.12
N PRO A 466 -4.66 8.51 6.96
CA PRO A 466 -5.60 8.71 5.87
C PRO A 466 -7.04 8.26 6.17
N LEU A 467 -7.17 7.34 7.12
CA LEU A 467 -8.46 6.79 7.50
C LEU A 467 -9.20 7.64 8.54
N VAL A 468 -8.47 8.40 9.36
CA VAL A 468 -9.12 9.04 10.53
C VAL A 468 -8.78 10.50 10.83
N ASP A 469 -7.72 11.01 10.19
CA ASP A 469 -7.23 12.37 10.47
C ASP A 469 -8.11 13.36 9.74
N GLY A 470 -8.66 14.32 10.49
CA GLY A 470 -9.57 15.33 9.92
C GLY A 470 -8.93 16.12 8.80
N ARG A 471 -7.62 16.34 8.89
CA ARG A 471 -6.92 17.10 7.86
C ARG A 471 -6.77 16.31 6.54
N GLN A 472 -7.07 15.01 6.58
CA GLN A 472 -6.91 14.13 5.41
C GLN A 472 -8.21 13.84 4.65
N ILE A 473 -9.27 14.59 4.96
CA ILE A 473 -10.55 14.43 4.26
C ILE A 473 -10.40 15.08 2.89
N LYS A 474 -10.57 14.27 1.84
CA LYS A 474 -10.44 14.75 0.45
C LYS A 474 -11.82 15.05 -0.14
N ARG A 475 -12.18 16.33 -0.12
CA ARG A 475 -13.53 16.76 -0.46
C ARG A 475 -13.87 16.52 -1.94
N ASN A 476 -12.83 16.49 -2.79
CA ASN A 476 -13.01 16.32 -4.25
C ASN A 476 -12.85 14.88 -4.76
N GLY A 477 -12.84 13.91 -3.85
CA GLY A 477 -12.63 12.52 -4.26
C GLY A 477 -11.26 11.98 -3.87
N GLY A 478 -11.11 10.66 -3.96
CA GLY A 478 -9.94 9.94 -3.46
C GLY A 478 -9.85 10.02 -1.95
N ASN A 479 -10.99 10.20 -1.32
CA ASN A 479 -11.08 10.30 0.13
C ASN A 479 -10.96 8.92 0.76
N TRP A 480 -10.14 8.83 1.81
CA TRP A 480 -10.00 7.61 2.58
C TRP A 480 -10.51 7.72 4.01
N ASN A 481 -10.82 8.94 4.43
CA ASN A 481 -11.43 9.15 5.75
C ASN A 481 -12.94 9.16 5.52
N LEU A 482 -13.49 7.96 5.36
CA LEU A 482 -14.90 7.85 4.94
C LEU A 482 -15.92 8.40 5.94
N PRO A 483 -15.73 8.16 7.24
CA PRO A 483 -16.62 8.80 8.22
C PRO A 483 -16.42 10.32 8.29
N GLU A 484 -15.38 10.83 7.63
CA GLU A 484 -15.01 12.26 7.75
C GLU A 484 -14.85 12.64 9.23
N LEU A 485 -14.13 11.78 9.95
CA LEU A 485 -13.87 12.00 11.37
C LEU A 485 -12.93 13.19 11.47
N ASP A 486 -13.28 14.13 12.33
CA ASP A 486 -12.44 15.30 12.56
C ASP A 486 -12.45 15.63 14.05
N ASP A 487 -11.84 14.75 14.82
CA ASP A 487 -11.76 14.86 16.27
C ASP A 487 -10.48 15.59 16.59
N PRO A 488 -10.56 16.82 17.13
CA PRO A 488 -9.32 17.56 17.41
C PRO A 488 -8.36 16.84 18.37
N GLU A 489 -8.87 15.97 19.24
CA GLU A 489 -8.01 15.19 20.13
C GLU A 489 -7.25 14.11 19.36
N VAL A 490 -7.92 13.46 18.41
CA VAL A 490 -7.22 12.51 17.52
C VAL A 490 -6.16 13.25 16.69
N ASN A 491 -6.55 14.36 16.06
CA ASN A 491 -5.61 15.16 15.26
C ASN A 491 -4.39 15.60 16.08
N ALA A 492 -4.63 16.08 17.30
CA ALA A 492 -3.55 16.53 18.19
C ALA A 492 -2.62 15.37 18.57
N LEU A 493 -3.19 14.19 18.84
CA LEU A 493 -2.36 13.03 19.15
C LEU A 493 -1.49 12.64 17.95
N ILE A 494 -2.08 12.67 16.76
CA ILE A 494 -1.32 12.35 15.55
C ILE A 494 -0.14 13.34 15.40
N ASP A 495 -0.43 14.63 15.59
CA ASP A 495 0.62 15.65 15.54
C ASP A 495 1.75 15.35 16.53
N GLU A 496 1.36 14.93 17.73
CA GLU A 496 2.37 14.62 18.74
C GLU A 496 3.30 13.46 18.31
N THR A 497 2.72 12.41 17.72
CA THR A 497 3.55 11.30 17.22
C THR A 497 4.62 11.79 16.25
N LEU A 498 4.26 12.78 15.42
CA LEU A 498 5.13 13.21 14.32
C LEU A 498 6.41 13.92 14.77
N HIS A 499 6.41 14.45 16.00
CA HIS A 499 7.61 15.08 16.58
C HIS A 499 8.20 14.29 17.74
N THR A 500 7.62 13.13 18.03
CA THR A 500 8.11 12.27 19.10
C THR A 500 9.24 11.39 18.53
N THR A 501 10.46 11.62 19.05
CA THR A 501 11.65 10.93 18.55
C THR A 501 11.70 9.49 19.04
N ASP A 502 11.37 9.29 20.31
CA ASP A 502 11.36 7.98 20.96
C ASP A 502 10.30 7.06 20.35
N PRO A 503 10.73 5.96 19.69
CA PRO A 503 9.77 5.10 19.01
C PRO A 503 8.76 4.42 19.95
N ALA A 504 9.15 4.19 21.20
CA ALA A 504 8.25 3.57 22.19
C ALA A 504 7.12 4.50 22.64
N ALA A 505 7.49 5.72 23.00
CA ALA A 505 6.49 6.75 23.32
C ALA A 505 5.58 7.00 22.12
N ARG A 506 6.15 6.94 20.92
CA ARG A 506 5.40 7.10 19.68
C ARG A 506 4.35 5.98 19.56
N ALA A 507 4.75 4.74 19.79
CA ALA A 507 3.81 3.61 19.78
C ALA A 507 2.65 3.80 20.77
N GLU A 508 2.95 4.23 21.99
CA GLU A 508 1.90 4.46 22.99
C GLU A 508 0.90 5.54 22.56
N LEU A 509 1.38 6.61 21.95
CA LEU A 509 0.48 7.63 21.44
C LEU A 509 -0.41 7.04 20.36
N TRP A 510 0.17 6.24 19.47
CA TRP A 510 -0.64 5.63 18.41
C TRP A 510 -1.69 4.68 18.95
N ARG A 511 -1.36 3.99 20.05
CA ARG A 511 -2.36 3.12 20.69
C ARG A 511 -3.54 3.92 21.22
N ALA A 512 -3.25 5.12 21.77
CA ALA A 512 -4.32 6.02 22.23
C ALA A 512 -5.18 6.49 21.04
N VAL A 513 -4.54 6.85 19.94
CA VAL A 513 -5.28 7.22 18.72
C VAL A 513 -6.25 6.12 18.29
N GLU A 514 -5.72 4.89 18.18
CA GLU A 514 -6.55 3.77 17.73
C GLU A 514 -7.70 3.49 18.70
N ARG A 515 -7.42 3.57 19.99
CA ARG A 515 -8.47 3.42 21.01
C ARG A 515 -9.57 4.50 20.82
N ARG A 516 -9.16 5.75 20.70
CA ARG A 516 -10.13 6.83 20.51
C ARG A 516 -10.98 6.62 19.27
N VAL A 517 -10.33 6.18 18.18
CA VAL A 517 -11.06 5.87 16.94
C VAL A 517 -12.10 4.79 17.17
N MET A 518 -11.73 3.73 17.89
CA MET A 518 -12.68 2.66 18.15
C MET A 518 -13.79 3.13 19.09
N GLU A 519 -13.46 4.00 20.04
CA GLU A 519 -14.51 4.62 20.88
C GLU A 519 -15.56 5.32 20.03
N HIS A 520 -15.14 6.02 18.98
CA HIS A 520 -16.07 6.64 18.05
C HIS A 520 -16.95 5.62 17.29
N ALA A 521 -16.43 4.41 17.12
CA ALA A 521 -17.18 3.32 16.47
C ALA A 521 -17.54 3.59 14.99
N VAL A 522 -16.82 4.52 14.36
CA VAL A 522 -17.02 4.81 12.92
C VAL A 522 -16.42 3.75 11.98
N LEU A 523 -15.51 2.93 12.49
CA LEU A 523 -14.88 1.88 11.67
C LEU A 523 -15.08 0.52 12.32
N LEU A 524 -15.59 -0.41 11.52
CA LEU A 524 -15.81 -1.79 11.95
C LEU A 524 -14.77 -2.65 11.24
N PRO A 525 -13.73 -3.08 11.97
CA PRO A 525 -12.75 -3.92 11.28
C PRO A 525 -13.29 -5.30 11.04
N LEU A 526 -12.95 -5.89 9.90
CA LEU A 526 -13.39 -7.24 9.60
C LEU A 526 -12.22 -8.24 9.66
N VAL A 527 -11.32 -8.15 8.69
CA VAL A 527 -10.13 -9.00 8.63
C VAL A 527 -8.94 -8.24 8.08
N HIS A 528 -7.73 -8.69 8.43
CA HIS A 528 -6.54 -8.26 7.70
C HIS A 528 -6.37 -9.30 6.62
N ASP A 529 -6.22 -8.81 5.39
CA ASP A 529 -6.21 -9.72 4.26
C ASP A 529 -4.95 -10.58 4.17
N LYS A 530 -5.13 -11.75 3.55
CA LYS A 530 -4.04 -12.67 3.25
C LYS A 530 -4.17 -13.08 1.79
N THR A 531 -3.08 -13.63 1.25
CA THR A 531 -3.07 -13.98 -0.16
C THR A 531 -2.22 -15.21 -0.34
N LEU A 532 -2.38 -15.90 -1.47
CA LEU A 532 -1.54 -17.05 -1.76
C LEU A 532 -0.68 -16.75 -2.98
N HIS A 533 0.64 -16.69 -2.77
CA HIS A 533 1.57 -16.52 -3.89
C HIS A 533 2.21 -17.85 -4.25
N PHE A 534 2.43 -18.08 -5.55
CA PHE A 534 3.07 -19.32 -6.02
C PHE A 534 4.46 -18.98 -6.55
N ARG A 535 5.47 -19.75 -6.14
CA ARG A 535 6.85 -19.50 -6.57
C ARG A 535 7.39 -20.73 -7.27
N ASN A 536 7.84 -20.57 -8.50
CA ASN A 536 8.48 -21.72 -9.16
C ASN A 536 9.85 -22.01 -8.54
N PRO A 537 10.20 -23.30 -8.40
CA PRO A 537 11.38 -23.68 -7.61
C PRO A 537 12.77 -23.30 -8.13
N TRP A 538 12.86 -22.94 -9.41
CA TRP A 538 14.12 -22.50 -10.02
C TRP A 538 14.39 -21.01 -9.87
N VAL A 539 13.49 -20.30 -9.21
CA VAL A 539 13.70 -18.88 -8.91
C VAL A 539 14.44 -18.77 -7.58
N THR A 540 15.51 -17.98 -7.60
CA THR A 540 16.37 -17.86 -6.42
C THR A 540 16.03 -16.58 -5.65
N ASN A 541 16.33 -16.61 -4.36
CA ASN A 541 16.11 -15.45 -3.46
C ASN A 541 14.66 -14.96 -3.41
N VAL A 542 13.73 -15.89 -3.25
CA VAL A 542 12.31 -15.52 -3.21
C VAL A 542 11.90 -15.27 -1.77
N TYR A 543 11.34 -14.10 -1.50
CA TYR A 543 10.79 -13.82 -0.17
C TYR A 543 9.70 -12.75 -0.27
N VAL A 544 8.72 -12.84 0.62
CA VAL A 544 7.68 -11.81 0.72
C VAL A 544 8.30 -10.62 1.43
N HIS A 545 8.33 -9.48 0.73
CA HIS A 545 8.88 -8.28 1.34
C HIS A 545 7.89 -7.72 2.35
N PRO A 546 8.32 -7.58 3.61
CA PRO A 546 7.37 -7.18 4.66
C PRO A 546 6.74 -5.80 4.42
N ALA A 547 7.41 -4.92 3.68
CA ALA A 547 6.85 -3.60 3.39
C ALA A 547 5.81 -3.62 2.26
N PHE A 548 5.69 -4.75 1.55
CA PHE A 548 4.85 -4.83 0.35
C PHE A 548 3.76 -5.90 0.40
N GLY A 549 4.02 -7.00 1.11
CA GLY A 549 3.12 -8.16 1.08
C GLY A 549 3.23 -8.93 -0.23
N LEU A 550 4.21 -8.55 -1.07
CA LEU A 550 4.47 -9.21 -2.36
C LEU A 550 5.94 -9.60 -2.38
N TYR A 551 6.30 -10.56 -3.23
CA TYR A 551 7.69 -10.95 -3.37
C TYR A 551 8.56 -9.77 -3.82
N ASP A 552 9.78 -9.67 -3.30
CA ASP A 552 10.71 -8.64 -3.75
C ASP A 552 11.38 -9.09 -5.07
N ILE A 553 10.71 -8.74 -6.18
CA ILE A 553 11.14 -9.14 -7.51
C ILE A 553 12.62 -8.84 -7.78
N GLN A 554 13.06 -7.66 -7.37
CA GLN A 554 14.42 -7.22 -7.66
C GLN A 554 15.50 -8.14 -7.07
N ALA A 555 15.16 -8.87 -6.00
CA ALA A 555 16.14 -9.75 -5.35
C ALA A 555 16.30 -11.09 -6.08
N MET A 556 15.40 -11.37 -7.00
CA MET A 556 15.32 -12.73 -7.56
C MET A 556 16.40 -12.99 -8.60
N GLY A 557 16.81 -14.26 -8.68
CA GLY A 557 17.64 -14.71 -9.79
C GLY A 557 17.09 -16.01 -10.38
N LEU A 558 17.88 -16.64 -11.24
CA LEU A 558 17.51 -17.91 -11.84
C LEU A 558 18.55 -18.95 -11.47
N ALA A 559 18.09 -20.16 -11.15
CA ALA A 559 18.99 -21.28 -10.85
C ALA A 559 19.71 -21.72 -12.14
N GLU A 560 20.94 -22.20 -11.96
CA GLU A 560 21.76 -22.73 -13.06
C GLU A 560 21.05 -23.90 -13.74
#